data_6EQJ
#
_entry.id   6EQJ
#
_cell.length_a   59.030
_cell.length_b   101.020
_cell.length_c   49.420
_cell.angle_alpha   90.000
_cell.angle_beta   90.000
_cell.angle_gamma   90.000
#
_symmetry.space_group_name_H-M   'P 21 21 2'
#
loop_
_entity.id
_entity.type
_entity.pdbx_description
1 polymer Glycogenin-1
2 non-polymer 1,2-ETHANEDIOL
3 water water
#
_entity_poly.entity_id   1
_entity_poly.type   'polypeptide(L)'
_entity_poly.pdbx_seq_one_letter_code
;SMTDQAFVTLTTNDAYAKGALVLGSSLKQHRTTRRLVVLATPQVSDSMRKVLETVFDEVIMVDVLDSGDSAHLTLMKRPE
LGVTLTKLHCWSLTQYSKCVFMDADTLVLANIDDLFDREELSAAPDPGWPDCFNSGVFVYQPSVETYNQLLHLASEQGSF
DGGDQGILNTFFSSWATTDIRKHLPFIYNLSSISI(PHI)SYLPAFKVFGASAKVVHFLGRVKPWNYTYDPKTKSVKSEA
HDPNMTHPEFLILWWNIFTTNVLPLLQ
;
_entity_poly.pdbx_strand_id   A
#
loop_
_chem_comp.id
_chem_comp.type
_chem_comp.name
_chem_comp.formula
EDO non-polymer 1,2-ETHANEDIOL 'C2 H6 O2'
#
# COMPACT_ATOMS: atom_id res chain seq x y z
N MET A 2 -0.08 -19.74 -6.51
CA MET A 2 0.46 -18.66 -7.33
C MET A 2 1.64 -17.96 -6.64
N THR A 3 2.76 -18.67 -6.54
CA THR A 3 3.98 -18.08 -6.00
C THR A 3 4.61 -17.09 -6.97
N ASP A 4 3.96 -16.80 -8.10
CA ASP A 4 4.49 -15.88 -9.10
C ASP A 4 4.10 -14.44 -8.84
N GLN A 5 3.00 -14.22 -8.15
CA GLN A 5 2.45 -12.88 -7.89
C GLN A 5 2.29 -12.68 -6.40
N ALA A 6 2.24 -11.42 -5.98
CA ALA A 6 2.23 -11.10 -4.56
C ALA A 6 1.57 -9.75 -4.32
N PHE A 7 1.07 -9.58 -3.10
CA PHE A 7 0.65 -8.28 -2.58
C PHE A 7 1.80 -7.69 -1.78
N VAL A 8 2.11 -6.42 -2.03
CA VAL A 8 3.26 -5.75 -1.42
C VAL A 8 2.76 -4.57 -0.59
N THR A 9 3.29 -4.43 0.61
CA THR A 9 3.00 -3.29 1.48
C THR A 9 4.31 -2.79 2.09
N LEU A 10 4.21 -1.76 2.92
CA LEU A 10 5.38 -1.09 3.47
C LEU A 10 5.12 -0.68 4.92
N THR A 11 6.13 -0.89 5.77
CA THR A 11 6.09 -0.47 7.16
C THR A 11 7.39 0.25 7.50
N THR A 12 7.29 1.48 7.97
CA THR A 12 8.46 2.24 8.40
C THR A 12 8.59 2.33 9.91
N ASN A 13 7.59 1.89 10.66
CA ASN A 13 7.65 1.90 12.13
C ASN A 13 6.65 0.87 12.64
N ASP A 14 6.62 0.71 13.97
CA ASP A 14 5.74 -0.27 14.58
C ASP A 14 4.27 0.16 14.53
N ALA A 15 4.00 1.46 14.43
CA ALA A 15 2.61 1.92 14.33
C ALA A 15 2.00 1.49 13.01
N TYR A 16 2.69 1.76 11.89
CA TYR A 16 2.20 1.33 10.59
C TYR A 16 2.29 -0.18 10.41
N ALA A 17 3.12 -0.86 11.21
CA ALA A 17 3.17 -2.31 11.14
C ALA A 17 1.86 -2.95 11.60
N LYS A 18 1.16 -2.32 12.55
CA LYS A 18 -0.14 -2.82 12.96
C LYS A 18 -1.17 -2.68 11.85
N GLY A 19 -1.01 -1.69 10.97
CA GLY A 19 -1.91 -1.57 9.83
C GLY A 19 -1.65 -2.64 8.78
N ALA A 20 -0.37 -2.97 8.55
CA ALA A 20 -0.06 -4.04 7.61
C ALA A 20 -0.49 -5.40 8.12
N LEU A 21 -0.48 -5.60 9.44
CA LEU A 21 -0.97 -6.85 10.00
C LEU A 21 -2.47 -7.02 9.75
N VAL A 22 -3.22 -5.92 9.82
CA VAL A 22 -4.65 -5.99 9.51
C VAL A 22 -4.87 -6.16 8.02
N LEU A 23 -4.07 -5.46 7.20
CA LEU A 23 -4.20 -5.61 5.76
C LEU A 23 -3.89 -7.04 5.32
N GLY A 24 -2.78 -7.60 5.82
CA GLY A 24 -2.44 -8.97 5.49
C GLY A 24 -3.43 -9.99 6.01
N SER A 25 -4.02 -9.71 7.18
CA SER A 25 -5.04 -10.61 7.72
C SER A 25 -6.31 -10.56 6.89
N SER A 26 -6.70 -9.36 6.45
CA SER A 26 -7.88 -9.25 5.59
C SER A 26 -7.66 -9.89 4.24
N LEU A 27 -6.42 -9.88 3.73
CA LEU A 27 -6.11 -10.59 2.50
C LEU A 27 -6.20 -12.09 2.70
N LYS A 28 -5.81 -12.58 3.88
CA LYS A 28 -5.98 -13.99 4.21
C LYS A 28 -7.43 -14.34 4.51
N GLN A 29 -8.19 -13.40 5.06
CA GLN A 29 -9.57 -13.69 5.46
C GLN A 29 -10.44 -14.01 4.26
N HIS A 30 -10.25 -13.29 3.14
CA HIS A 30 -11.01 -13.52 1.93
C HIS A 30 -10.28 -14.45 0.96
N ARG A 31 -9.32 -15.23 1.46
CA ARG A 31 -8.69 -16.32 0.71
C ARG A 31 -8.01 -15.83 -0.57
N THR A 32 -6.81 -15.28 -0.46
CA THR A 32 -6.02 -14.93 -1.63
C THR A 32 -5.07 -16.08 -1.97
N THR A 33 -4.85 -16.28 -3.26
CA THR A 33 -3.93 -17.31 -3.74
C THR A 33 -2.55 -16.76 -4.06
N ARG A 34 -2.28 -15.52 -3.69
CA ARG A 34 -1.02 -14.86 -3.99
C ARG A 34 -0.17 -14.75 -2.74
N ARG A 35 1.10 -14.37 -2.93
CA ARG A 35 2.02 -14.20 -1.83
C ARG A 35 1.75 -12.87 -1.11
N LEU A 36 2.23 -12.79 0.12
CA LEU A 36 2.09 -11.58 0.93
C LEU A 36 3.48 -11.08 1.30
N VAL A 37 3.82 -9.89 0.81
CA VAL A 37 5.15 -9.31 0.99
C VAL A 37 4.99 -7.97 1.71
N VAL A 38 5.86 -7.74 2.69
CA VAL A 38 5.90 -6.48 3.42
C VAL A 38 7.33 -5.95 3.41
N LEU A 39 7.49 -4.68 3.03
CA LEU A 39 8.77 -4.02 3.06
C LEU A 39 8.92 -3.30 4.39
N ALA A 40 10.04 -3.53 5.08
CA ALA A 40 10.27 -2.97 6.41
C ALA A 40 11.61 -2.25 6.46
N THR A 41 11.65 -1.21 7.28
CA THR A 41 12.86 -0.43 7.53
C THR A 41 13.45 -0.82 8.88
N PRO A 42 14.73 -0.51 9.11
CA PRO A 42 15.32 -0.81 10.43
C PRO A 42 14.62 -0.13 11.59
N GLN A 43 13.81 0.90 11.34
CA GLN A 43 13.07 1.54 12.42
C GLN A 43 12.00 0.64 12.99
N VAL A 44 11.56 -0.37 12.25
CA VAL A 44 10.67 -1.39 12.81
C VAL A 44 11.48 -2.29 13.73
N SER A 45 11.01 -2.44 14.97
CA SER A 45 11.75 -3.20 15.96
C SER A 45 11.84 -4.67 15.56
N ASP A 46 12.82 -5.36 16.14
CA ASP A 46 13.04 -6.78 15.81
C ASP A 46 11.84 -7.62 16.20
N SER A 47 11.24 -7.35 17.36
CA SER A 47 10.10 -8.14 17.80
C SER A 47 8.86 -7.87 16.95
N MET A 48 8.73 -6.64 16.42
CA MET A 48 7.61 -6.36 15.53
C MET A 48 7.79 -7.05 14.18
N ARG A 49 9.04 -7.22 13.72
CA ARG A 49 9.27 -7.99 12.51
C ARG A 49 8.91 -9.45 12.71
N LYS A 50 9.10 -9.99 13.91
CA LYS A 50 8.71 -11.37 14.18
C LYS A 50 7.20 -11.53 14.11
N VAL A 51 6.45 -10.53 14.55
CA VAL A 51 5.00 -10.57 14.44
C VAL A 51 4.58 -10.48 12.96
N LEU A 52 5.33 -9.70 12.17
CA LEU A 52 5.01 -9.58 10.75
C LEU A 52 5.24 -10.88 10.00
N GLU A 53 6.21 -11.68 10.43
CA GLU A 53 6.47 -12.95 9.75
C GLU A 53 5.35 -13.96 9.94
N THR A 54 4.53 -13.80 10.99
CA THR A 54 3.41 -14.71 11.20
C THR A 54 2.28 -14.48 10.21
N VAL A 55 2.25 -13.33 9.54
CA VAL A 55 1.20 -13.00 8.58
C VAL A 55 1.72 -13.02 7.16
N PHE A 56 2.84 -12.35 6.89
CA PHE A 56 3.36 -12.22 5.55
C PHE A 56 4.31 -13.36 5.20
N ASP A 57 4.38 -13.67 3.91
CA ASP A 57 5.27 -14.73 3.44
C ASP A 57 6.71 -14.26 3.34
N GLU A 58 6.93 -12.97 3.10
CA GLU A 58 8.27 -12.41 3.00
C GLU A 58 8.32 -11.08 3.71
N VAL A 59 9.30 -10.91 4.60
CA VAL A 59 9.58 -9.66 5.27
C VAL A 59 10.92 -9.17 4.74
N ILE A 60 10.89 -8.25 3.79
CA ILE A 60 12.08 -7.77 3.09
C ILE A 60 12.51 -6.45 3.70
N MET A 61 13.77 -6.39 4.12
CA MET A 61 14.31 -5.20 4.76
C MET A 61 14.84 -4.23 3.72
N VAL A 62 14.47 -2.95 3.86
CA VAL A 62 14.93 -1.88 2.99
C VAL A 62 15.48 -0.76 3.87
N ASP A 63 16.74 -0.42 3.67
CA ASP A 63 17.42 0.62 4.45
C ASP A 63 18.08 1.60 3.46
N VAL A 64 17.37 2.68 3.14
CA VAL A 64 17.91 3.68 2.23
C VAL A 64 19.07 4.45 2.88
N LEU A 65 19.21 4.37 4.20
CA LEU A 65 20.34 5.01 4.87
C LEU A 65 21.64 4.26 4.65
N ASP A 66 21.58 2.99 4.27
CA ASP A 66 22.77 2.19 4.04
C ASP A 66 23.38 2.54 2.69
N SER A 67 24.69 2.75 2.67
CA SER A 67 25.37 3.15 1.44
C SER A 67 25.32 2.08 0.35
N GLY A 68 25.10 0.82 0.73
CA GLY A 68 24.94 -0.23 -0.26
C GLY A 68 23.57 -0.31 -0.90
N ASP A 69 22.62 0.50 -0.43
CA ASP A 69 21.28 0.49 -1.00
C ASP A 69 21.29 1.18 -2.36
N SER A 70 20.47 0.66 -3.27
CA SER A 70 20.42 1.18 -4.64
C SER A 70 19.88 2.60 -4.71
N ALA A 71 19.09 3.03 -3.72
CA ALA A 71 18.49 4.36 -3.71
C ALA A 71 19.23 5.32 -2.78
N HIS A 72 20.43 4.97 -2.33
CA HIS A 72 21.13 5.82 -1.36
C HIS A 72 21.64 7.09 -2.01
N LEU A 73 22.20 6.98 -3.22
CA LEU A 73 22.69 8.17 -3.92
C LEU A 73 21.56 9.13 -4.23
N THR A 74 20.37 8.60 -4.56
CA THR A 74 19.21 9.46 -4.78
C THR A 74 18.76 10.13 -3.49
N LEU A 75 18.94 9.45 -2.34
CA LEU A 75 18.54 10.05 -1.07
C LEU A 75 19.40 11.26 -0.72
N MET A 76 20.68 11.24 -1.10
CA MET A 76 21.53 12.39 -0.83
C MET A 76 21.09 13.60 -1.64
N LYS A 77 20.54 13.40 -2.83
CA LYS A 77 20.01 14.51 -3.61
C LYS A 77 18.65 14.94 -3.12
N ARG A 78 17.84 14.01 -2.63
CA ARG A 78 16.48 14.29 -2.13
C ARG A 78 16.34 13.71 -0.73
N PRO A 79 16.86 14.39 0.29
CA PRO A 79 16.78 13.85 1.65
C PRO A 79 15.38 13.83 2.24
N GLU A 80 14.39 14.41 1.56
CA GLU A 80 13.02 14.42 2.05
C GLU A 80 12.17 13.28 1.49
N LEU A 81 12.73 12.45 0.61
CA LEU A 81 12.00 11.38 -0.03
C LEU A 81 12.40 10.00 0.49
N GLY A 82 12.80 9.93 1.76
CA GLY A 82 13.24 8.66 2.32
C GLY A 82 12.14 7.59 2.30
N VAL A 83 10.93 7.97 2.71
CA VAL A 83 9.82 7.03 2.67
C VAL A 83 9.45 6.69 1.24
N THR A 84 9.46 7.68 0.35
CA THR A 84 9.11 7.44 -1.05
C THR A 84 10.09 6.48 -1.70
N LEU A 85 11.39 6.72 -1.52
CA LEU A 85 12.40 5.84 -2.12
C LEU A 85 12.32 4.44 -1.55
N THR A 86 11.90 4.30 -0.29
CA THR A 86 11.73 2.96 0.29
C THR A 86 10.56 2.24 -0.37
N LYS A 87 9.46 2.95 -0.61
CA LYS A 87 8.30 2.33 -1.27
C LYS A 87 8.63 1.95 -2.71
N LEU A 88 9.43 2.78 -3.40
CA LEU A 88 9.80 2.48 -4.78
C LEU A 88 10.60 1.20 -4.92
N HIS A 89 11.13 0.66 -3.82
CA HIS A 89 11.82 -0.63 -3.87
C HIS A 89 10.89 -1.77 -4.24
N CYS A 90 9.57 -1.53 -4.30
CA CYS A 90 8.64 -2.59 -4.69
C CYS A 90 8.88 -3.04 -6.13
N TRP A 91 9.43 -2.16 -6.97
CA TRP A 91 9.79 -2.55 -8.33
C TRP A 91 11.06 -3.40 -8.37
N SER A 92 11.85 -3.41 -7.30
CA SER A 92 13.04 -4.24 -7.25
C SER A 92 12.74 -5.70 -6.97
N LEU A 93 11.49 -6.04 -6.66
CA LEU A 93 11.11 -7.42 -6.35
C LEU A 93 10.92 -8.23 -7.64
N THR A 94 12.02 -8.37 -8.37
CA THR A 94 12.00 -9.03 -9.68
C THR A 94 11.73 -10.52 -9.59
N GLN A 95 11.65 -11.09 -8.39
CA GLN A 95 11.27 -12.49 -8.28
C GLN A 95 9.79 -12.73 -8.55
N TYR A 96 9.00 -11.67 -8.67
CA TYR A 96 7.60 -11.76 -9.03
C TYR A 96 7.37 -11.12 -10.39
N SER A 97 6.40 -11.65 -11.13
CA SER A 97 6.08 -11.13 -12.45
C SER A 97 5.09 -9.97 -12.41
N LYS A 98 4.18 -9.97 -11.44
CA LYS A 98 3.20 -8.90 -11.30
C LYS A 98 2.82 -8.80 -9.82
N CYS A 99 2.65 -7.58 -9.34
CA CYS A 99 2.32 -7.34 -7.94
C CYS A 99 1.26 -6.25 -7.83
N VAL A 100 0.55 -6.29 -6.70
CA VAL A 100 -0.42 -5.26 -6.34
C VAL A 100 0.06 -4.64 -5.04
N PHE A 101 0.50 -3.38 -5.12
CA PHE A 101 0.94 -2.68 -3.92
C PHE A 101 -0.26 -2.06 -3.21
N MET A 102 -0.29 -2.22 -1.89
CA MET A 102 -1.33 -1.62 -1.06
C MET A 102 -0.69 -1.00 0.17
N ASP A 103 -1.02 0.25 0.45
CA ASP A 103 -0.47 0.91 1.64
C ASP A 103 -0.99 0.23 2.91
N ALA A 104 -0.24 0.43 4.00
CA ALA A 104 -0.58 -0.21 5.26
C ALA A 104 -1.89 0.31 5.86
N ASP A 105 -2.36 1.49 5.43
CA ASP A 105 -3.60 2.05 5.93
C ASP A 105 -4.80 1.68 5.07
N THR A 106 -4.73 0.57 4.34
CA THR A 106 -5.85 0.05 3.56
C THR A 106 -6.41 -1.20 4.23
N LEU A 107 -7.65 -1.53 3.87
CA LEU A 107 -8.33 -2.69 4.41
C LEU A 107 -9.12 -3.36 3.31
N VAL A 108 -9.01 -4.68 3.22
CA VAL A 108 -9.63 -5.47 2.14
C VAL A 108 -10.97 -5.99 2.63
N LEU A 109 -12.01 -5.83 1.80
CA LEU A 109 -13.36 -6.26 2.13
C LEU A 109 -13.83 -7.45 1.29
N ALA A 110 -13.14 -7.78 0.20
CA ALA A 110 -13.52 -8.91 -0.64
C ALA A 110 -12.31 -9.33 -1.44
N ASN A 111 -12.40 -10.53 -2.03
CA ASN A 111 -11.29 -11.06 -2.82
C ASN A 111 -11.03 -10.17 -4.03
N ILE A 112 -9.80 -9.69 -4.15
CA ILE A 112 -9.42 -8.79 -5.23
C ILE A 112 -8.29 -9.41 -6.06
N ASP A 113 -8.29 -10.74 -6.17
CA ASP A 113 -7.29 -11.41 -6.99
C ASP A 113 -7.47 -11.13 -8.47
N ASP A 114 -8.64 -10.61 -8.88
CA ASP A 114 -8.83 -10.21 -10.27
C ASP A 114 -8.02 -8.99 -10.64
N LEU A 115 -7.40 -8.31 -9.67
CA LEU A 115 -6.52 -7.19 -9.96
C LEU A 115 -5.29 -7.62 -10.74
N PHE A 116 -4.92 -8.91 -10.67
CA PHE A 116 -3.77 -9.40 -11.43
C PHE A 116 -4.10 -9.67 -12.89
N ASP A 117 -5.36 -9.49 -13.29
CA ASP A 117 -5.71 -9.43 -14.70
C ASP A 117 -5.39 -8.08 -15.33
N ARG A 118 -4.94 -7.12 -14.53
CA ARG A 118 -4.63 -5.78 -15.00
C ARG A 118 -3.16 -5.69 -15.41
N GLU A 119 -2.82 -4.61 -16.11
CA GLU A 119 -1.47 -4.32 -16.52
C GLU A 119 -0.93 -3.10 -15.78
N GLU A 120 0.38 -2.92 -15.86
CA GLU A 120 1.02 -1.73 -15.31
C GLU A 120 0.86 -0.57 -16.29
N LEU A 121 0.38 0.57 -15.79
CA LEU A 121 0.03 0.73 -14.39
C LEU A 121 -1.47 0.92 -14.22
N SER A 122 -2.10 0.06 -13.41
CA SER A 122 -3.52 0.15 -13.13
C SER A 122 -3.72 0.68 -11.72
N ALA A 123 -4.51 1.74 -11.59
CA ALA A 123 -4.77 2.34 -10.28
C ALA A 123 -6.12 3.02 -10.31
N ALA A 124 -6.66 3.27 -9.11
CA ALA A 124 -7.94 3.93 -8.99
C ALA A 124 -7.77 5.45 -9.01
N PRO A 125 -8.78 6.18 -9.48
CA PRO A 125 -8.68 7.64 -9.50
C PRO A 125 -8.66 8.21 -8.09
N ASP A 126 -7.90 9.29 -7.92
CA ASP A 126 -7.77 9.94 -6.62
C ASP A 126 -8.85 11.00 -6.46
N PRO A 127 -9.56 11.04 -5.33
CA PRO A 127 -10.55 12.10 -5.12
C PRO A 127 -9.86 13.41 -4.76
N GLY A 128 -10.42 14.50 -5.28
CA GLY A 128 -9.79 15.80 -5.15
C GLY A 128 -9.21 16.27 -6.47
N TRP A 129 -8.33 15.46 -7.04
CA TRP A 129 -7.80 15.68 -8.39
C TRP A 129 -7.94 14.36 -9.14
N PRO A 130 -9.07 14.13 -9.81
CA PRO A 130 -9.33 12.79 -10.38
C PRO A 130 -8.46 12.45 -11.57
N ASP A 131 -7.83 13.43 -12.23
CA ASP A 131 -6.92 13.10 -13.33
C ASP A 131 -5.60 12.53 -12.85
N CYS A 132 -5.36 12.48 -11.54
CA CYS A 132 -4.26 11.76 -10.95
C CYS A 132 -4.80 10.51 -10.25
N PHE A 133 -4.05 9.43 -10.31
CA PHE A 133 -4.44 8.20 -9.61
C PHE A 133 -3.93 8.22 -8.18
N ASN A 134 -4.66 7.55 -7.30
CA ASN A 134 -4.22 7.40 -5.92
C ASN A 134 -3.23 6.24 -5.84
N SER A 135 -2.04 6.51 -5.31
CA SER A 135 -0.98 5.51 -5.23
C SER A 135 -1.15 4.57 -4.05
N GLY A 136 -2.31 4.58 -3.38
CA GLY A 136 -2.52 3.66 -2.27
C GLY A 136 -2.70 2.22 -2.71
N VAL A 137 -3.25 2.01 -3.91
CA VAL A 137 -3.45 0.68 -4.48
C VAL A 137 -3.15 0.78 -5.97
N PHE A 138 -2.17 0.00 -6.44
CA PHE A 138 -1.85 -0.02 -7.86
C PHE A 138 -1.26 -1.36 -8.24
N VAL A 139 -1.53 -1.78 -9.47
CA VAL A 139 -0.99 -3.01 -10.04
C VAL A 139 0.20 -2.65 -10.89
N TYR A 140 1.36 -3.25 -10.59
CA TYR A 140 2.59 -2.93 -11.30
C TYR A 140 3.34 -4.22 -11.61
N GLN A 141 4.43 -4.09 -12.38
CA GLN A 141 5.28 -5.21 -12.75
C GLN A 141 6.71 -4.86 -12.36
N PRO A 142 7.34 -5.63 -11.48
CA PRO A 142 8.70 -5.29 -11.03
C PRO A 142 9.69 -5.32 -12.19
N SER A 143 10.63 -4.38 -12.15
CA SER A 143 11.63 -4.24 -13.21
C SER A 143 12.78 -3.39 -12.69
N VAL A 144 14.00 -3.87 -12.87
CA VAL A 144 15.17 -3.06 -12.52
C VAL A 144 15.23 -1.82 -13.40
N GLU A 145 14.83 -1.95 -14.66
CA GLU A 145 14.79 -0.81 -15.56
C GLU A 145 13.83 0.25 -15.05
N THR A 146 12.57 -0.13 -14.79
CA THR A 146 11.58 0.82 -14.30
C THR A 146 12.01 1.43 -12.97
N TYR A 147 12.64 0.63 -12.10
CA TYR A 147 13.08 1.13 -10.80
C TYR A 147 14.16 2.19 -10.97
N ASN A 148 15.12 1.97 -11.88
CA ASN A 148 16.14 2.98 -12.13
C ASN A 148 15.57 4.20 -12.82
N GLN A 149 14.53 4.03 -13.63
CA GLN A 149 13.85 5.18 -14.24
C GLN A 149 13.22 6.06 -13.17
N LEU A 150 12.60 5.46 -12.16
CA LEU A 150 11.96 6.23 -11.11
C LEU A 150 12.99 6.94 -10.24
N LEU A 151 14.12 6.29 -9.98
CA LEU A 151 15.17 6.92 -9.17
C LEU A 151 15.74 8.15 -9.87
N HIS A 152 15.91 8.08 -11.19
CA HIS A 152 16.43 9.23 -11.92
C HIS A 152 15.41 10.36 -11.94
N LEU A 153 14.13 10.04 -12.07
CA LEU A 153 13.09 11.06 -12.02
C LEU A 153 13.05 11.72 -10.66
N ALA A 154 13.24 10.95 -9.59
CA ALA A 154 13.29 11.52 -8.25
C ALA A 154 14.48 12.44 -8.07
N SER A 155 15.62 12.09 -8.68
CA SER A 155 16.79 12.94 -8.58
C SER A 155 16.64 14.20 -9.43
N GLU A 156 16.03 14.06 -10.62
CA GLU A 156 15.89 15.22 -11.50
C GLU A 156 14.82 16.18 -11.01
N GLN A 157 13.60 15.68 -10.77
CA GLN A 157 12.48 16.51 -10.41
C GLN A 157 12.02 16.36 -8.96
N GLY A 158 12.15 15.17 -8.39
CA GLY A 158 11.60 14.92 -7.07
C GLY A 158 10.13 14.53 -7.16
N SER A 159 9.33 14.97 -6.20
CA SER A 159 7.90 14.70 -6.17
C SER A 159 7.16 16.00 -5.92
N PHE A 160 6.12 16.27 -6.70
CA PHE A 160 5.44 17.55 -6.55
C PHE A 160 4.54 17.59 -5.31
N ASP A 161 4.28 16.45 -4.68
CA ASP A 161 3.57 16.43 -3.41
C ASP A 161 4.45 15.93 -2.26
N GLY A 162 5.74 15.70 -2.53
CA GLY A 162 6.65 15.21 -1.52
C GLY A 162 6.51 13.75 -1.17
N GLY A 163 5.54 13.05 -1.76
CA GLY A 163 5.36 11.64 -1.47
C GLY A 163 5.52 10.78 -2.71
N ASP A 164 4.98 9.56 -2.67
CA ASP A 164 5.10 8.66 -3.80
C ASP A 164 4.07 8.96 -4.89
N GLN A 165 2.88 9.45 -4.52
CA GLN A 165 1.82 9.66 -5.50
C GLN A 165 2.22 10.70 -6.53
N GLY A 166 2.96 11.72 -6.12
CA GLY A 166 3.36 12.76 -7.06
C GLY A 166 4.31 12.25 -8.13
N ILE A 167 5.36 11.55 -7.73
CA ILE A 167 6.35 11.08 -8.69
C ILE A 167 5.78 9.94 -9.54
N LEU A 168 4.97 9.08 -8.94
CA LEU A 168 4.37 7.99 -9.71
C LEU A 168 3.41 8.50 -10.76
N ASN A 169 2.67 9.58 -10.45
CA ASN A 169 1.80 10.18 -11.45
C ASN A 169 2.61 10.89 -12.54
N THR A 170 3.76 11.47 -12.19
CA THR A 170 4.59 12.12 -13.20
C THR A 170 5.21 11.09 -14.14
N PHE A 171 5.63 9.94 -13.61
CA PHE A 171 6.23 8.91 -14.45
C PHE A 171 5.18 8.24 -15.34
N PHE A 172 4.08 7.77 -14.73
CA PHE A 172 2.97 7.19 -15.47
C PHE A 172 1.95 8.26 -15.81
N SER A 173 2.40 9.25 -16.59
CA SER A 173 1.61 10.44 -16.89
C SER A 173 0.50 10.20 -17.90
N SER A 174 0.53 9.09 -18.63
CA SER A 174 -0.49 8.78 -19.62
C SER A 174 -1.67 8.00 -19.03
N TRP A 175 -1.74 7.88 -17.71
CA TRP A 175 -2.78 7.06 -17.10
C TRP A 175 -4.17 7.65 -17.29
N ALA A 176 -4.29 8.98 -17.32
CA ALA A 176 -5.60 9.62 -17.34
C ALA A 176 -6.23 9.68 -18.71
N THR A 177 -5.50 9.33 -19.79
CA THR A 177 -6.00 9.53 -21.14
C THR A 177 -5.78 8.36 -22.09
N THR A 178 -5.19 7.25 -21.64
CA THR A 178 -4.81 6.18 -22.55
C THR A 178 -5.77 5.01 -22.38
N ASP A 179 -5.50 4.06 -21.49
CA ASP A 179 -6.27 2.83 -21.39
C ASP A 179 -7.20 2.90 -20.19
N ILE A 180 -8.50 2.71 -20.44
CA ILE A 180 -9.46 2.74 -19.34
C ILE A 180 -9.42 1.47 -18.52
N ARG A 181 -8.88 0.37 -19.06
CA ARG A 181 -8.71 -0.85 -18.27
C ARG A 181 -7.68 -0.67 -17.17
N LYS A 182 -6.81 0.32 -17.28
CA LYS A 182 -5.88 0.68 -16.22
C LYS A 182 -6.49 1.64 -15.21
N HIS A 183 -7.76 1.97 -15.36
CA HIS A 183 -8.51 2.73 -14.36
C HIS A 183 -9.26 1.73 -13.49
N LEU A 184 -8.73 1.49 -12.29
CA LEU A 184 -9.41 0.60 -11.37
C LEU A 184 -10.69 1.27 -10.86
N PRO A 185 -11.77 0.51 -10.68
CA PRO A 185 -12.98 1.09 -10.08
C PRO A 185 -12.67 1.67 -8.70
N PHE A 186 -13.41 2.72 -8.34
CA PHE A 186 -13.17 3.40 -7.08
C PHE A 186 -13.41 2.51 -5.87
N ILE A 187 -14.13 1.39 -6.05
CA ILE A 187 -14.36 0.47 -4.94
C ILE A 187 -13.11 -0.33 -4.60
N TYR A 188 -12.13 -0.38 -5.50
CA TYR A 188 -10.85 -1.02 -5.20
C TYR A 188 -9.92 -0.14 -4.38
N ASN A 189 -10.32 1.10 -4.10
CA ASN A 189 -9.53 2.02 -3.30
C ASN A 189 -10.44 3.14 -2.77
N LEU A 190 -11.44 2.77 -1.99
CA LEU A 190 -12.45 3.71 -1.53
C LEU A 190 -11.90 4.58 -0.42
N SER A 191 -11.83 5.89 -0.68
CA SER A 191 -11.33 6.82 0.32
C SER A 191 -12.33 6.96 1.46
N SER A 192 -11.81 6.97 2.70
CA SER A 192 -12.67 7.12 3.86
C SER A 192 -13.28 8.52 3.96
N ILE A 193 -12.74 9.49 3.24
CA ILE A 193 -13.27 10.84 3.26
C ILE A 193 -14.40 10.98 2.24
N LEU A 199 -21.62 12.01 -0.66
CA LEU A 199 -22.34 11.27 0.37
C LEU A 199 -23.53 10.45 -0.18
N PRO A 200 -24.36 11.03 -1.07
CA PRO A 200 -25.41 10.21 -1.69
C PRO A 200 -24.87 9.11 -2.58
N ALA A 201 -23.66 9.29 -3.14
CA ALA A 201 -23.08 8.24 -3.97
C ALA A 201 -22.67 7.03 -3.15
N PHE A 202 -22.33 7.22 -1.87
CA PHE A 202 -21.97 6.09 -1.02
C PHE A 202 -23.17 5.22 -0.72
N LYS A 203 -24.35 5.82 -0.57
CA LYS A 203 -25.55 5.05 -0.28
C LYS A 203 -25.93 4.14 -1.43
N VAL A 204 -25.47 4.43 -2.65
CA VAL A 204 -25.78 3.64 -3.82
C VAL A 204 -24.68 2.65 -4.16
N PHE A 205 -23.42 3.08 -4.08
CA PHE A 205 -22.30 2.25 -4.49
C PHE A 205 -21.40 1.79 -3.35
N GLY A 206 -21.55 2.38 -2.15
CA GLY A 206 -20.67 2.02 -1.05
C GLY A 206 -20.79 0.58 -0.59
N ALA A 207 -21.92 -0.06 -0.87
CA ALA A 207 -22.09 -1.48 -0.51
C ALA A 207 -21.18 -2.38 -1.35
N SER A 208 -20.79 -1.94 -2.55
CA SER A 208 -19.92 -2.72 -3.42
C SER A 208 -18.44 -2.46 -3.14
N ALA A 209 -18.11 -1.89 -1.99
CA ALA A 209 -16.72 -1.57 -1.68
C ALA A 209 -15.91 -2.85 -1.49
N LYS A 210 -14.72 -2.86 -2.07
CA LYS A 210 -13.77 -3.97 -1.92
C LYS A 210 -12.56 -3.61 -1.08
N VAL A 211 -12.07 -2.38 -1.17
CA VAL A 211 -10.95 -1.91 -0.37
C VAL A 211 -11.28 -0.51 0.13
N VAL A 212 -11.13 -0.28 1.42
CA VAL A 212 -11.31 1.04 2.04
C VAL A 212 -9.95 1.60 2.39
N HIS A 213 -9.72 2.87 2.05
CA HIS A 213 -8.45 3.55 2.26
C HIS A 213 -8.65 4.61 3.34
N PHE A 214 -8.13 4.37 4.53
CA PHE A 214 -8.25 5.31 5.64
C PHE A 214 -7.32 6.48 5.41
N LEU A 215 -7.87 7.61 4.98
CA LEU A 215 -7.11 8.82 4.68
C LEU A 215 -7.29 9.90 5.72
N GLY A 216 -7.94 9.61 6.84
CA GLY A 216 -8.12 10.61 7.88
C GLY A 216 -6.82 10.98 8.55
N ARG A 217 -6.89 12.05 9.35
CA ARG A 217 -5.71 12.50 10.08
C ARG A 217 -5.27 11.48 11.11
N VAL A 218 -6.21 10.85 11.80
CA VAL A 218 -5.91 9.84 12.79
C VAL A 218 -5.99 8.47 12.13
N LYS A 219 -4.87 7.76 12.09
CA LYS A 219 -4.84 6.42 11.53
C LYS A 219 -5.66 5.47 12.40
N PRO A 220 -6.14 4.36 11.82
CA PRO A 220 -7.00 3.45 12.60
C PRO A 220 -6.37 2.93 13.87
N TRP A 221 -5.05 2.71 13.88
CA TRP A 221 -4.38 2.18 15.07
C TRP A 221 -4.15 3.24 16.13
N ASN A 222 -4.37 4.51 15.83
CA ASN A 222 -4.21 5.59 16.80
C ASN A 222 -5.51 5.97 17.49
N TYR A 223 -6.60 5.28 17.21
CA TYR A 223 -7.84 5.47 17.93
C TYR A 223 -7.82 4.69 19.25
N THR A 224 -8.60 5.17 20.21
CA THR A 224 -8.75 4.48 21.50
C THR A 224 -9.96 3.55 21.40
N TYR A 225 -9.68 2.25 21.32
CA TYR A 225 -10.72 1.24 21.11
C TYR A 225 -11.15 0.67 22.45
N ASP A 226 -12.47 0.64 22.67
CA ASP A 226 -13.03 0.09 23.89
C ASP A 226 -13.60 -1.30 23.60
N PRO A 227 -12.97 -2.37 24.06
CA PRO A 227 -13.49 -3.72 23.77
C PRO A 227 -14.86 -4.00 24.38
N LYS A 228 -15.28 -3.23 25.39
CA LYS A 228 -16.58 -3.46 26.01
C LYS A 228 -17.71 -3.07 25.06
N THR A 229 -17.65 -1.85 24.52
CA THR A 229 -18.68 -1.38 23.60
C THR A 229 -18.35 -1.63 22.14
N LYS A 230 -17.14 -2.11 21.84
CA LYS A 230 -16.69 -2.34 20.47
C LYS A 230 -16.78 -1.06 19.64
N SER A 231 -16.39 0.06 20.25
CA SER A 231 -16.41 1.37 19.61
C SER A 231 -15.06 2.05 19.83
N VAL A 232 -14.93 3.27 19.31
CA VAL A 232 -13.72 4.06 19.40
C VAL A 232 -14.06 5.42 19.98
N LYS A 233 -13.03 6.26 20.12
CA LYS A 233 -13.20 7.60 20.66
C LYS A 233 -14.01 8.49 19.72
N PRO A 244 -18.79 4.68 9.68
CA PRO A 244 -17.92 4.36 10.81
C PRO A 244 -17.72 2.86 11.01
N GLU A 245 -18.44 2.06 10.23
CA GLU A 245 -18.33 0.60 10.34
C GLU A 245 -16.98 0.10 9.86
N PHE A 246 -16.29 0.85 9.00
CA PHE A 246 -14.98 0.41 8.53
C PHE A 246 -13.93 0.51 9.64
N LEU A 247 -13.98 1.58 10.43
CA LEU A 247 -13.06 1.71 11.54
C LEU A 247 -13.32 0.66 12.61
N ILE A 248 -14.57 0.21 12.75
CA ILE A 248 -14.89 -0.85 13.70
C ILE A 248 -14.37 -2.19 13.17
N LEU A 249 -14.50 -2.42 11.87
CA LEU A 249 -14.02 -3.68 11.29
C LEU A 249 -12.50 -3.78 11.36
N TRP A 250 -11.80 -2.64 11.24
CA TRP A 250 -10.35 -2.66 11.37
C TRP A 250 -9.92 -3.18 12.73
N TRP A 251 -10.52 -2.63 13.80
CA TRP A 251 -10.18 -3.07 15.14
C TRP A 251 -10.71 -4.47 15.45
N ASN A 252 -11.76 -4.91 14.75
CA ASN A 252 -12.22 -6.28 14.93
C ASN A 252 -11.22 -7.28 14.37
N ILE A 253 -10.70 -7.01 13.17
CA ILE A 253 -9.67 -7.86 12.59
C ILE A 253 -8.40 -7.79 13.45
N PHE A 254 -8.10 -6.62 14.01
CA PHE A 254 -6.89 -6.46 14.80
C PHE A 254 -6.96 -7.26 16.10
N THR A 255 -8.14 -7.31 16.73
CA THR A 255 -8.29 -8.02 18.00
C THR A 255 -8.58 -9.51 17.81
N THR A 256 -9.36 -9.87 16.78
CA THR A 256 -9.73 -11.26 16.59
C THR A 256 -8.64 -12.05 15.89
N ASN A 257 -8.05 -11.49 14.84
CA ASN A 257 -7.12 -12.23 13.97
C ASN A 257 -5.66 -11.93 14.27
N VAL A 258 -5.32 -10.68 14.56
CA VAL A 258 -3.92 -10.28 14.66
C VAL A 258 -3.32 -10.57 16.03
N LEU A 259 -4.03 -10.21 17.09
CA LEU A 259 -3.48 -10.36 18.44
C LEU A 259 -3.11 -11.80 18.80
N PRO A 260 -3.91 -12.84 18.49
CA PRO A 260 -3.48 -14.21 18.83
C PRO A 260 -2.35 -14.73 17.96
N LEU A 261 -1.30 -13.93 17.78
CA LEU A 261 -0.14 -14.31 16.98
C LEU A 261 1.14 -13.88 17.67
C1 EDO B . 9.22 -13.19 -12.74
O1 EDO B . 10.23 -12.60 -13.57
C2 EDO B . 9.72 -14.52 -12.19
O2 EDO B . 8.71 -15.10 -11.36
C1 EDO C . 4.36 2.99 5.99
O1 EDO C . 5.22 3.12 7.14
C2 EDO C . 3.86 4.37 5.58
O2 EDO C . 4.97 5.20 5.22
C1 EDO D . 0.51 3.53 -18.09
O1 EDO D . 0.58 2.12 -17.81
C2 EDO D . -0.24 4.23 -16.98
O2 EDO D . -1.57 3.71 -16.90
C1 EDO E . 15.05 -6.52 -2.25
O1 EDO E . 15.04 -6.64 -3.68
C2 EDO E . 14.71 -5.09 -1.87
O2 EDO E . 15.71 -4.20 -2.38
C1 EDO F . -7.63 -10.70 -1.85
O1 EDO F . -7.17 -11.37 -3.02
C2 EDO F . -8.24 -11.71 -0.87
O2 EDO F . -8.53 -11.05 0.36
#